data_4E0A
#
_entry.id   4E0A
#
_cell.length_a   39.384
_cell.length_b   99.414
_cell.length_c   39.398
_cell.angle_alpha   90.00
_cell.angle_beta   92.70
_cell.angle_gamma   90.00
#
_symmetry.space_group_name_H-M   'P 1 21 1'
#
loop_
_entity.id
_entity.type
_entity.pdbx_description
1 polymer 'BH1408 protein'
2 non-polymer GLYCEROL
3 non-polymer 'ACETIC ACID'
4 non-polymer 'PHOSPHATE ION'
5 water water
#
_entity_poly.entity_id   1
_entity_poly.type   'polypeptide(L)'
_entity_poly.pdbx_seq_one_letter_code
;(MSE)IIREATVQDYEEVARLHTQVHEAHVKERGDIFRSNEPTLNPSRFQAAVQGEKSTVLVFVDEREKIGAYSVIHLVQ
TPLLPT(MSE)QQRKTVYISDLCVDETRRGGGIGRLIFEAIISYGKAHQVDAIELDVYDFNDRAKAFYHSLG(MSE)RCQ
KQT(MSE)ELPLLEHHHHHH
;
_entity_poly.pdbx_strand_id   A,B
#
loop_
_chem_comp.id
_chem_comp.type
_chem_comp.name
_chem_comp.formula
ACY non-polymer 'ACETIC ACID' 'C2 H4 O2'
GOL non-polymer GLYCEROL 'C3 H8 O3'
PO4 non-polymer 'PHOSPHATE ION' 'O4 P -3'
#
# COMPACT_ATOMS: atom_id res chain seq x y z
N MSE A 1 -21.18 -25.49 14.15
CA MSE A 1 -20.49 -24.27 13.73
C MSE A 1 -21.03 -23.81 12.39
O MSE A 1 -21.50 -24.63 11.60
CB MSE A 1 -18.99 -24.52 13.59
CG MSE A 1 -18.65 -25.85 12.92
SE MSE A 1 -16.88 -25.83 12.05
CE MSE A 1 -17.42 -24.86 10.42
N ILE A 2 -21.01 -22.50 12.15
CA ILE A 2 -21.46 -21.96 10.87
C ILE A 2 -20.67 -20.71 10.48
N ILE A 3 -20.57 -20.47 9.17
CA ILE A 3 -20.19 -19.19 8.62
C ILE A 3 -21.43 -18.56 7.96
N ARG A 4 -21.68 -17.30 8.25
CA ARG A 4 -22.82 -16.59 7.67
C ARG A 4 -22.43 -15.13 7.51
N GLU A 5 -23.22 -14.38 6.74
CA GLU A 5 -23.02 -12.95 6.70
C GLU A 5 -23.42 -12.35 8.03
N ALA A 6 -22.75 -11.25 8.39
CA ALA A 6 -23.05 -10.55 9.63
C ALA A 6 -24.41 -9.87 9.56
N THR A 7 -24.95 -9.58 10.73
CA THR A 7 -26.05 -8.63 10.81
C THR A 7 -25.61 -7.47 11.70
N VAL A 8 -26.41 -6.42 11.72
CA VAL A 8 -26.11 -5.25 12.55
C VAL A 8 -25.93 -5.64 14.01
N GLN A 9 -26.75 -6.58 14.47
CA GLN A 9 -26.69 -7.09 15.84
C GLN A 9 -25.34 -7.73 16.22
N ASP A 10 -24.50 -8.02 15.24
CA ASP A 10 -23.18 -8.61 15.48
C ASP A 10 -22.14 -7.57 15.92
N TYR A 11 -22.52 -6.29 15.90
CA TYR A 11 -21.53 -5.22 16.09
C TYR A 11 -20.65 -5.38 17.34
N GLU A 12 -21.26 -5.57 18.50
CA GLU A 12 -20.51 -5.57 19.75
C GLU A 12 -19.42 -6.63 19.77
N GLU A 13 -19.77 -7.84 19.35
CA GLU A 13 -18.81 -8.92 19.26
C GLU A 13 -17.74 -8.67 18.20
N VAL A 14 -18.17 -8.22 17.03
CA VAL A 14 -17.19 -7.91 15.99
C VAL A 14 -16.24 -6.80 16.44
N ALA A 15 -16.78 -5.78 17.11
CA ALA A 15 -15.96 -4.68 17.62
C ALA A 15 -14.89 -5.16 18.62
N ARG A 16 -15.28 -6.08 19.49
CA ARG A 16 -14.37 -6.61 20.50
C ARG A 16 -13.19 -7.31 19.83
N LEU A 17 -13.48 -8.11 18.81
CA LEU A 17 -12.43 -8.75 18.04
C LEU A 17 -11.54 -7.74 17.32
N HIS A 18 -12.15 -6.72 16.74
CA HIS A 18 -11.37 -5.70 16.04
C HIS A 18 -10.38 -5.03 17.01
N THR A 19 -10.85 -4.82 18.23
CA THR A 19 -10.03 -4.18 19.27
C THR A 19 -8.79 -4.99 19.66
N GLN A 20 -8.93 -6.32 19.80
CA GLN A 20 -7.76 -7.16 20.04
C GLN A 20 -6.67 -6.86 19.03
N VAL A 21 -7.04 -6.88 17.75
CA VAL A 21 -6.07 -6.65 16.69
C VAL A 21 -5.59 -5.19 16.69
N HIS A 22 -6.51 -4.25 16.90
CA HIS A 22 -6.10 -2.85 16.93
C HIS A 22 -5.08 -2.59 18.02
N GLU A 23 -5.35 -3.10 19.21
CA GLU A 23 -4.41 -2.92 20.32
C GLU A 23 -3.03 -3.53 20.05
N ALA A 24 -2.98 -4.65 19.33
CA ALA A 24 -1.70 -5.24 18.95
C ALA A 24 -0.91 -4.26 18.12
N HIS A 25 -1.61 -3.59 17.22
CA HIS A 25 -0.99 -2.63 16.31
C HIS A 25 -0.56 -1.37 17.07
N VAL A 26 -1.38 -0.94 18.02
CA VAL A 26 -1.01 0.20 18.86
C VAL A 26 0.27 -0.13 19.64
N LYS A 27 0.36 -1.35 20.15
CA LYS A 27 1.51 -1.80 20.92
C LYS A 27 2.80 -1.72 20.11
N GLU A 28 2.74 -2.20 18.87
CA GLU A 28 3.95 -2.34 18.05
C GLU A 28 4.27 -1.12 17.19
N ARG A 29 3.24 -0.39 16.79
CA ARG A 29 3.43 0.80 15.95
C ARG A 29 2.54 1.93 16.47
N GLY A 30 2.85 2.42 17.67
CA GLY A 30 2.09 3.50 18.28
C GLY A 30 2.27 4.82 17.56
N ASP A 31 3.23 4.87 16.63
CA ASP A 31 3.48 6.08 15.86
C ASP A 31 2.45 6.22 14.75
N ILE A 32 1.81 5.10 14.41
CA ILE A 32 0.81 5.08 13.36
C ILE A 32 -0.57 4.91 13.97
N PHE A 33 -0.68 3.98 14.92
CA PHE A 33 -1.97 3.57 15.47
C PHE A 33 -2.23 4.21 16.82
N ARG A 34 -3.50 4.53 17.08
CA ARG A 34 -3.87 5.25 18.28
C ARG A 34 -4.90 4.44 19.07
N SER A 35 -4.75 4.38 20.39
CA SER A 35 -5.75 3.75 21.24
C SER A 35 -7.03 4.55 21.23
N ASN A 36 -8.16 3.85 21.22
CA ASN A 36 -9.46 4.51 21.30
C ASN A 36 -10.49 3.51 21.73
N GLU A 37 -11.57 3.99 22.31
CA GLU A 37 -12.68 3.11 22.64
C GLU A 37 -13.95 3.75 22.07
N PRO A 38 -14.60 3.08 21.10
CA PRO A 38 -14.23 1.79 20.51
C PRO A 38 -13.18 1.97 19.44
N THR A 39 -12.72 0.89 18.82
CA THR A 39 -11.75 0.97 17.73
C THR A 39 -12.48 0.78 16.41
N LEU A 40 -13.71 0.29 16.49
CA LEU A 40 -14.56 0.09 15.31
C LEU A 40 -15.82 0.94 15.44
N ASN A 41 -16.02 1.83 14.46
CA ASN A 41 -17.19 2.70 14.47
C ASN A 41 -18.42 1.87 14.10
N PRO A 42 -19.49 1.97 14.90
CA PRO A 42 -20.73 1.22 14.66
C PRO A 42 -21.42 1.56 13.34
N SER A 43 -21.50 2.85 12.98
CA SER A 43 -22.09 3.23 11.71
C SER A 43 -21.28 2.70 10.51
N ARG A 44 -19.97 2.68 10.64
CA ARG A 44 -19.13 2.20 9.56
C ARG A 44 -19.20 0.67 9.43
N PHE A 45 -19.40 0.00 10.57
CA PHE A 45 -19.67 -1.43 10.54
C PHE A 45 -20.97 -1.66 9.77
N GLN A 46 -22.01 -0.94 10.14
CA GLN A 46 -23.31 -1.10 9.49
C GLN A 46 -23.19 -0.86 7.97
N ALA A 47 -22.45 0.17 7.57
CA ALA A 47 -22.25 0.42 6.15
C ALA A 47 -21.56 -0.74 5.44
N ALA A 48 -20.65 -1.43 6.13
CA ALA A 48 -19.91 -2.52 5.49
C ALA A 48 -20.84 -3.69 5.32
N VAL A 49 -21.67 -3.93 6.34
CA VAL A 49 -22.63 -5.01 6.32
C VAL A 49 -23.63 -4.86 5.15
N GLN A 50 -24.09 -3.64 4.92
CA GLN A 50 -25.16 -3.36 3.97
C GLN A 50 -24.67 -2.79 2.65
N GLY A 51 -23.36 -2.55 2.55
CA GLY A 51 -22.79 -1.90 1.38
C GLY A 51 -22.99 -2.67 0.09
N GLU A 52 -23.07 -1.94 -1.02
CA GLU A 52 -23.25 -2.56 -2.33
C GLU A 52 -22.05 -3.41 -2.72
N LYS A 53 -20.86 -2.96 -2.37
CA LYS A 53 -19.65 -3.63 -2.81
C LYS A 53 -18.87 -4.27 -1.65
N SER A 54 -19.43 -4.24 -0.45
CA SER A 54 -18.77 -4.82 0.72
C SER A 54 -19.57 -5.99 1.29
N THR A 55 -18.88 -6.87 2.00
CA THR A 55 -19.50 -8.03 2.64
C THR A 55 -18.82 -8.30 3.98
N VAL A 56 -19.62 -8.61 5.00
CA VAL A 56 -19.04 -8.98 6.29
C VAL A 56 -19.43 -10.41 6.63
N LEU A 57 -18.42 -11.23 6.93
CA LEU A 57 -18.63 -12.65 7.24
C LEU A 57 -18.29 -12.92 8.69
N VAL A 58 -19.06 -13.77 9.37
CA VAL A 58 -18.72 -14.15 10.75
C VAL A 58 -18.74 -15.65 10.91
N PHE A 59 -17.87 -16.12 11.79
CA PHE A 59 -17.84 -17.53 12.19
C PHE A 59 -18.49 -17.61 13.56
N VAL A 60 -19.51 -18.45 13.71
CA VAL A 60 -20.20 -18.61 14.99
C VAL A 60 -20.05 -20.03 15.47
N ASP A 61 -19.53 -20.21 16.68
CA ASP A 61 -19.27 -21.54 17.21
C ASP A 61 -19.93 -21.75 18.57
N GLU A 62 -20.31 -20.64 19.20
CA GLU A 62 -20.91 -20.70 20.53
C GLU A 62 -22.02 -19.68 20.68
N ARG A 63 -23.01 -20.00 21.50
CA ARG A 63 -24.12 -19.10 21.77
C ARG A 63 -23.60 -17.72 22.19
N GLU A 64 -24.06 -16.69 21.48
CA GLU A 64 -23.66 -15.31 21.73
C GLU A 64 -22.15 -15.12 21.65
N LYS A 65 -21.49 -15.88 20.78
CA LYS A 65 -20.05 -15.72 20.58
C LYS A 65 -19.56 -15.82 19.12
N ILE A 66 -19.12 -14.68 18.59
CA ILE A 66 -18.48 -14.64 17.27
C ILE A 66 -17.01 -15.00 17.46
N GLY A 67 -16.57 -16.10 16.85
CA GLY A 67 -15.19 -16.50 16.95
C GLY A 67 -14.24 -15.84 15.96
N ALA A 68 -14.78 -15.27 14.88
CA ALA A 68 -13.96 -14.65 13.85
C ALA A 68 -14.84 -13.82 12.93
N TYR A 69 -14.25 -12.86 12.25
CA TYR A 69 -15.01 -12.15 11.21
C TYR A 69 -14.07 -11.61 10.17
N SER A 70 -14.64 -11.22 9.05
CA SER A 70 -13.86 -10.60 8.00
C SER A 70 -14.71 -9.55 7.28
N VAL A 71 -14.05 -8.48 6.82
CA VAL A 71 -14.70 -7.50 5.98
C VAL A 71 -13.97 -7.47 4.64
N ILE A 72 -14.72 -7.59 3.55
CA ILE A 72 -14.10 -7.64 2.23
C ILE A 72 -14.83 -6.65 1.32
N HIS A 73 -14.16 -6.22 0.26
CA HIS A 73 -14.69 -5.22 -0.65
C HIS A 73 -14.40 -5.64 -2.08
N LEU A 74 -15.38 -5.45 -2.95
CA LEU A 74 -15.17 -5.68 -4.37
C LEU A 74 -14.61 -4.40 -4.97
N VAL A 75 -13.39 -4.47 -5.51
CA VAL A 75 -12.68 -3.28 -5.98
C VAL A 75 -12.44 -3.40 -7.49
N GLN A 76 -12.78 -2.36 -8.25
CA GLN A 76 -12.57 -2.40 -9.69
C GLN A 76 -11.83 -1.14 -10.11
N THR A 77 -10.72 -1.31 -10.81
CA THR A 77 -9.96 -0.14 -11.27
C THR A 77 -10.08 -0.05 -12.78
N PRO A 78 -10.15 1.17 -13.31
CA PRO A 78 -10.48 1.32 -14.72
C PRO A 78 -9.28 1.06 -15.61
N LEU A 79 -9.54 0.77 -16.87
CA LEU A 79 -8.49 0.68 -17.86
C LEU A 79 -7.81 2.05 -17.95
N LEU A 80 -6.48 2.05 -17.87
CA LEU A 80 -5.68 3.25 -18.09
C LEU A 80 -4.65 2.93 -19.17
N PRO A 81 -4.08 3.95 -19.81
CA PRO A 81 -3.04 3.70 -20.81
C PRO A 81 -1.93 2.82 -20.25
N THR A 82 -1.56 3.04 -18.99
CA THR A 82 -0.40 2.35 -18.44
C THR A 82 -0.71 1.26 -17.39
N MSE A 83 -1.98 1.06 -17.07
CA MSE A 83 -2.35 0.06 -16.06
C MSE A 83 -3.49 -0.79 -16.56
O MSE A 83 -4.46 -0.27 -17.11
CB MSE A 83 -2.74 0.76 -14.75
CG MSE A 83 -1.68 1.65 -14.18
SE MSE A 83 -0.14 0.66 -13.57
CE MSE A 83 -0.75 0.13 -11.80
N GLN A 84 -3.38 -2.11 -16.37
CA GLN A 84 -4.47 -3.00 -16.76
C GLN A 84 -5.68 -2.71 -15.89
N GLN A 85 -6.87 -2.87 -16.47
CA GLN A 85 -8.11 -2.84 -15.72
C GLN A 85 -8.07 -4.00 -14.72
N ARG A 86 -8.51 -3.76 -13.49
CA ARG A 86 -8.35 -4.78 -12.47
C ARG A 86 -9.56 -4.93 -11.56
N LYS A 87 -9.95 -6.18 -11.33
CA LYS A 87 -11.04 -6.50 -10.41
C LYS A 87 -10.49 -7.39 -9.30
N THR A 88 -10.62 -6.95 -8.06
CA THR A 88 -10.12 -7.77 -6.94
C THR A 88 -11.10 -7.83 -5.80
N VAL A 89 -10.84 -8.75 -4.88
CA VAL A 89 -11.45 -8.71 -3.57
C VAL A 89 -10.40 -8.17 -2.61
N TYR A 90 -10.71 -7.11 -1.88
CA TYR A 90 -9.77 -6.58 -0.92
C TYR A 90 -10.24 -6.88 0.49
N ILE A 91 -9.41 -7.58 1.24
CA ILE A 91 -9.73 -7.92 2.62
C ILE A 91 -9.24 -6.78 3.52
N SER A 92 -10.17 -5.98 4.03
CA SER A 92 -9.80 -4.87 4.91
C SER A 92 -9.66 -5.30 6.37
N ASP A 93 -10.34 -6.37 6.74
CA ASP A 93 -10.24 -6.92 8.09
C ASP A 93 -10.38 -8.44 8.06
N LEU A 94 -9.61 -9.13 8.89
CA LEU A 94 -9.86 -10.55 9.15
C LEU A 94 -9.28 -10.89 10.51
N CYS A 95 -10.17 -11.02 11.49
CA CYS A 95 -9.76 -11.23 12.87
C CYS A 95 -10.30 -12.55 13.41
N VAL A 96 -9.44 -13.32 14.06
CA VAL A 96 -9.87 -14.50 14.80
C VAL A 96 -9.60 -14.19 16.26
N ASP A 97 -10.60 -14.43 17.11
CA ASP A 97 -10.51 -14.19 18.55
C ASP A 97 -9.27 -14.88 19.10
N GLU A 98 -8.43 -14.11 19.80
CA GLU A 98 -7.16 -14.61 20.37
C GLU A 98 -7.26 -16.00 21.01
N THR A 99 -8.34 -16.25 21.72
CA THR A 99 -8.50 -17.49 22.48
C THR A 99 -9.04 -18.66 21.65
N ARG A 100 -9.44 -18.38 20.42
CA ARG A 100 -10.03 -19.42 19.57
C ARG A 100 -9.08 -19.87 18.47
N ARG A 101 -7.87 -19.33 18.49
CA ARG A 101 -6.88 -19.65 17.46
C ARG A 101 -6.33 -21.08 17.55
N GLY A 102 -5.90 -21.59 16.40
CA GLY A 102 -5.23 -22.88 16.30
C GLY A 102 -6.14 -24.04 15.92
N GLY A 103 -7.34 -23.71 15.44
CA GLY A 103 -8.35 -24.72 15.16
C GLY A 103 -8.95 -24.67 13.77
N GLY A 104 -8.31 -23.95 12.85
CA GLY A 104 -8.76 -23.89 11.47
C GLY A 104 -9.81 -22.85 11.14
N ILE A 105 -10.20 -22.05 12.13
CA ILE A 105 -11.23 -21.03 11.91
C ILE A 105 -10.85 -19.96 10.87
N GLY A 106 -9.63 -19.42 10.94
CA GLY A 106 -9.19 -18.45 9.95
C GLY A 106 -9.23 -19.01 8.54
N ARG A 107 -8.71 -20.23 8.38
CA ARG A 107 -8.74 -20.91 7.08
C ARG A 107 -10.16 -21.05 6.55
N LEU A 108 -11.10 -21.40 7.40
CA LEU A 108 -12.48 -21.53 6.95
C LEU A 108 -13.02 -20.19 6.43
N ILE A 109 -12.75 -19.12 7.16
CA ILE A 109 -13.17 -17.78 6.71
C ILE A 109 -12.53 -17.41 5.37
N PHE A 110 -11.23 -17.67 5.26
CA PHE A 110 -10.51 -17.37 4.02
C PHE A 110 -11.05 -18.17 2.83
N GLU A 111 -11.37 -19.44 3.06
CA GLU A 111 -11.99 -20.24 2.01
C GLU A 111 -13.30 -19.62 1.53
N ALA A 112 -14.09 -19.09 2.46
CA ALA A 112 -15.33 -18.39 2.09
C ALA A 112 -15.02 -17.18 1.21
N ILE A 113 -13.95 -16.47 1.53
CA ILE A 113 -13.56 -15.30 0.74
C ILE A 113 -13.15 -15.71 -0.68
N ILE A 114 -12.40 -16.80 -0.79
CA ILE A 114 -12.05 -17.33 -2.11
C ILE A 114 -13.29 -17.62 -2.93
N SER A 115 -14.28 -18.29 -2.32
CA SER A 115 -15.51 -18.61 -3.02
CA SER A 115 -15.52 -18.62 -3.01
C SER A 115 -16.21 -17.36 -3.52
N TYR A 116 -16.15 -16.31 -2.71
CA TYR A 116 -16.70 -15.02 -3.08
C TYR A 116 -15.95 -14.46 -4.29
N GLY A 117 -14.62 -14.47 -4.23
CA GLY A 117 -13.80 -13.97 -5.32
C GLY A 117 -14.10 -14.72 -6.61
N LYS A 118 -14.14 -16.05 -6.53
CA LYS A 118 -14.50 -16.84 -7.71
C LYS A 118 -15.90 -16.52 -8.26
N ALA A 119 -16.87 -16.41 -7.37
CA ALA A 119 -18.24 -16.13 -7.79
C ALA A 119 -18.32 -14.79 -8.53
N HIS A 120 -17.43 -13.87 -8.19
CA HIS A 120 -17.42 -12.57 -8.86
C HIS A 120 -16.34 -12.44 -9.92
N GLN A 121 -15.72 -13.58 -10.26
CA GLN A 121 -14.69 -13.65 -11.29
C GLN A 121 -13.59 -12.60 -11.16
N VAL A 122 -13.11 -12.40 -9.94
CA VAL A 122 -12.05 -11.43 -9.70
C VAL A 122 -10.70 -11.96 -10.14
N ASP A 123 -9.79 -11.04 -10.38
CA ASP A 123 -8.43 -11.38 -10.77
C ASP A 123 -7.65 -11.90 -9.59
N ALA A 124 -7.96 -11.41 -8.39
CA ALA A 124 -7.10 -11.75 -7.27
C ALA A 124 -7.73 -11.34 -5.95
N ILE A 125 -7.26 -11.93 -4.85
CA ILE A 125 -7.58 -11.45 -3.52
C ILE A 125 -6.36 -10.66 -3.06
N GLU A 126 -6.58 -9.50 -2.46
CA GLU A 126 -5.50 -8.67 -1.94
C GLU A 126 -5.79 -8.23 -0.51
N LEU A 127 -4.73 -7.88 0.22
CA LEU A 127 -4.86 -7.30 1.56
C LEU A 127 -3.57 -6.62 1.91
N ASP A 128 -3.56 -5.84 2.99
CA ASP A 128 -2.33 -5.26 3.48
C ASP A 128 -2.02 -5.73 4.88
N VAL A 129 -0.76 -6.04 5.13
CA VAL A 129 -0.36 -6.46 6.45
C VAL A 129 0.90 -5.71 6.90
N TYR A 130 0.95 -5.35 8.18
CA TYR A 130 2.10 -4.64 8.72
C TYR A 130 3.29 -5.55 8.96
N ASP A 131 4.49 -5.01 8.73
CA ASP A 131 5.73 -5.79 8.72
C ASP A 131 5.99 -6.53 10.04
N PHE A 132 5.59 -5.95 11.16
CA PHE A 132 5.83 -6.58 12.46
C PHE A 132 4.98 -7.84 12.68
N ASN A 133 3.93 -7.98 11.88
CA ASN A 133 2.85 -8.94 12.16
C ASN A 133 3.20 -10.33 11.62
N ASP A 134 4.12 -10.99 12.31
CA ASP A 134 4.62 -12.28 11.87
C ASP A 134 3.53 -13.34 11.86
N ARG A 135 2.66 -13.28 12.85
CA ARG A 135 1.58 -14.26 12.96
C ARG A 135 0.67 -14.21 11.72
N ALA A 136 0.30 -13.01 11.29
CA ALA A 136 -0.55 -12.89 10.10
C ALA A 136 0.19 -13.24 8.81
N LYS A 137 1.45 -12.84 8.69
CA LYS A 137 2.21 -13.20 7.50
C LYS A 137 2.31 -14.73 7.31
N ALA A 138 2.60 -15.45 8.39
CA ALA A 138 2.71 -16.91 8.31
C ALA A 138 1.37 -17.53 7.92
N PHE A 139 0.29 -16.94 8.41
CA PHE A 139 -1.05 -17.45 8.11
C PHE A 139 -1.32 -17.23 6.63
N TYR A 140 -1.13 -16.01 6.14
CA TYR A 140 -1.40 -15.75 4.72
C TYR A 140 -0.44 -16.49 3.79
N HIS A 141 0.82 -16.62 4.19
CA HIS A 141 1.75 -17.42 3.41
C HIS A 141 1.26 -18.85 3.28
N SER A 142 0.74 -19.38 4.37
CA SER A 142 0.31 -20.77 4.43
C SER A 142 -0.90 -21.02 3.54
N LEU A 143 -1.62 -19.96 3.20
CA LEU A 143 -2.78 -20.07 2.34
C LEU A 143 -2.47 -19.76 0.87
N GLY A 144 -1.19 -19.60 0.54
CA GLY A 144 -0.78 -19.36 -0.83
C GLY A 144 -0.54 -17.90 -1.19
N MSE A 145 -0.71 -16.99 -0.23
CA MSE A 145 -0.52 -15.57 -0.54
C MSE A 145 0.94 -15.20 -0.76
O MSE A 145 1.85 -15.79 -0.15
CB MSE A 145 -1.18 -14.67 0.51
CG MSE A 145 -2.67 -14.92 0.65
SE MSE A 145 -3.62 -13.36 1.32
CE MSE A 145 -3.92 -12.38 -0.36
N ARG A 146 1.18 -14.23 -1.64
CA ARG A 146 2.53 -13.76 -1.90
C ARG A 146 2.60 -12.24 -1.87
N CYS A 147 3.79 -11.70 -1.63
CA CYS A 147 3.96 -10.24 -1.57
C CYS A 147 3.92 -9.65 -2.97
N GLN A 148 3.04 -8.67 -3.14
CA GLN A 148 2.94 -7.97 -4.42
C GLN A 148 3.89 -6.77 -4.41
N LYS A 149 3.77 -5.95 -3.38
CA LYS A 149 4.59 -4.76 -3.23
C LYS A 149 4.64 -4.40 -1.76
N GLN A 150 5.57 -3.52 -1.39
CA GLN A 150 5.65 -3.12 0.00
C GLN A 150 5.88 -1.62 0.15
N THR A 151 5.35 -1.09 1.24
CA THR A 151 5.56 0.30 1.61
C THR A 151 6.81 0.36 2.43
N MSE A 152 7.76 1.20 2.01
CA MSE A 152 8.97 1.36 2.76
C MSE A 152 8.95 2.71 3.44
O MSE A 152 8.26 3.62 2.99
CB MSE A 152 10.12 1.23 1.80
CG MSE A 152 9.78 0.09 0.93
SE MSE A 152 10.99 -1.24 1.48
CE MSE A 152 12.17 -0.51 0.15
N GLU A 153 9.68 2.81 4.56
CA GLU A 153 9.67 4.01 5.40
C GLU A 153 11.07 4.37 5.93
N LEU A 154 11.28 5.66 6.07
CA LEU A 154 12.48 6.19 6.69
C LEU A 154 12.00 7.27 7.66
N PRO A 155 11.94 6.93 8.96
CA PRO A 155 11.51 7.90 9.98
C PRO A 155 12.52 9.03 10.04
N LEU A 156 12.06 10.26 10.21
CA LEU A 156 12.97 11.40 10.29
C LEU A 156 12.98 12.00 11.69
N LEU A 157 11.88 11.79 12.42
CA LEU A 157 11.74 12.35 13.77
C LEU A 157 12.05 11.32 14.86
N MSE B 1 27.01 19.47 -12.56
CA MSE B 1 26.24 18.58 -11.69
C MSE B 1 25.47 19.36 -10.64
O MSE B 1 26.06 19.92 -9.71
CB MSE B 1 27.17 17.57 -11.00
CG MSE B 1 26.45 16.60 -10.06
SE MSE B 1 26.29 17.21 -8.22
CE MSE B 1 24.42 16.76 -7.91
N ILE B 2 24.15 19.43 -10.79
CA ILE B 2 23.30 20.03 -9.77
C ILE B 2 22.02 19.23 -9.60
N ILE B 3 21.36 19.44 -8.48
CA ILE B 3 19.98 18.99 -8.32
C ILE B 3 19.13 20.24 -8.22
N ARG B 4 18.13 20.35 -9.09
CA ARG B 4 17.24 21.50 -9.07
C ARG B 4 15.81 21.04 -9.20
N GLU B 5 14.88 21.95 -8.98
CA GLU B 5 13.49 21.64 -9.21
C GLU B 5 13.32 21.56 -10.71
N ALA B 6 12.46 20.65 -11.17
CA ALA B 6 12.20 20.51 -12.60
C ALA B 6 11.33 21.66 -13.11
N THR B 7 11.39 21.91 -14.41
CA THR B 7 10.41 22.78 -15.06
C THR B 7 9.65 21.97 -16.09
N VAL B 8 8.60 22.55 -16.66
CA VAL B 8 7.80 21.85 -17.66
C VAL B 8 8.66 21.49 -18.89
N GLN B 9 9.69 22.27 -19.15
CA GLN B 9 10.59 22.00 -20.26
C GLN B 9 11.39 20.71 -20.13
N ASP B 10 11.42 20.13 -18.94
CA ASP B 10 12.16 18.89 -18.69
C ASP B 10 11.35 17.66 -19.09
N TYR B 11 10.12 17.89 -19.52
CA TYR B 11 9.20 16.79 -19.77
C TYR B 11 9.76 15.62 -20.58
N GLU B 12 10.23 15.87 -21.80
CA GLU B 12 10.65 14.78 -22.69
C GLU B 12 11.71 13.86 -22.06
N GLU B 13 12.67 14.47 -21.39
CA GLU B 13 13.76 13.70 -20.79
C GLU B 13 13.27 12.91 -19.59
N VAL B 14 12.43 13.54 -18.77
CA VAL B 14 11.87 12.86 -17.61
C VAL B 14 10.93 11.73 -18.06
N ALA B 15 10.13 12.01 -19.09
CA ALA B 15 9.20 11.02 -19.63
C ALA B 15 9.96 9.79 -20.07
N ARG B 16 11.12 9.99 -20.69
CA ARG B 16 11.97 8.89 -21.14
C ARG B 16 12.47 8.03 -19.98
N LEU B 17 12.85 8.69 -18.88
CA LEU B 17 13.31 7.97 -17.70
C LEU B 17 12.18 7.15 -17.10
N HIS B 18 10.98 7.73 -17.06
CA HIS B 18 9.82 7.05 -16.55
C HIS B 18 9.52 5.78 -17.35
N THR B 19 9.67 5.86 -18.67
CA THR B 19 9.35 4.73 -19.54
C THR B 19 10.32 3.56 -19.32
N GLN B 20 11.58 3.87 -19.00
CA GLN B 20 12.55 2.82 -18.67
C GLN B 20 12.05 2.00 -17.50
N VAL B 21 11.68 2.68 -16.43
CA VAL B 21 11.18 2.00 -15.24
C VAL B 21 9.83 1.33 -15.54
N HIS B 22 8.96 2.00 -16.30
CA HIS B 22 7.65 1.42 -16.57
C HIS B 22 7.73 0.12 -17.37
N GLU B 23 8.56 0.13 -18.40
CA GLU B 23 8.76 -1.05 -19.21
C GLU B 23 9.35 -2.22 -18.40
N ALA B 24 10.22 -1.91 -17.44
CA ALA B 24 10.68 -2.96 -16.54
C ALA B 24 9.50 -3.56 -15.77
N HIS B 25 8.55 -2.72 -15.34
CA HIS B 25 7.39 -3.24 -14.58
C HIS B 25 6.42 -4.01 -15.49
N VAL B 26 6.24 -3.53 -16.72
CA VAL B 26 5.45 -4.28 -17.70
C VAL B 26 6.02 -5.68 -17.90
N LYS B 27 7.35 -5.76 -18.01
CA LYS B 27 8.04 -7.04 -18.23
C LYS B 27 7.77 -8.05 -17.13
N GLU B 28 7.85 -7.60 -15.88
CA GLU B 28 7.72 -8.46 -14.70
C GLU B 28 6.30 -8.65 -14.18
N ARG B 29 5.47 -7.61 -14.29
CA ARG B 29 4.07 -7.72 -13.88
C ARG B 29 3.10 -7.19 -14.93
N GLY B 30 3.03 -7.89 -16.06
CA GLY B 30 2.15 -7.48 -17.14
C GLY B 30 0.67 -7.63 -16.84
N ASP B 31 0.38 -8.30 -15.72
CA ASP B 31 -1.00 -8.43 -15.27
C ASP B 31 -1.47 -7.16 -14.60
N ILE B 32 -0.51 -6.32 -14.22
CA ILE B 32 -0.85 -5.06 -13.57
C ILE B 32 -0.50 -3.86 -14.46
N PHE B 33 0.66 -3.91 -15.09
CA PHE B 33 1.18 -2.80 -15.88
C PHE B 33 0.99 -3.06 -17.36
N ARG B 34 0.71 -1.99 -18.11
CA ARG B 34 0.39 -2.09 -19.52
C ARG B 34 1.35 -1.19 -20.31
N SER B 35 1.84 -1.68 -21.45
CA SER B 35 2.70 -0.87 -22.33
C SER B 35 1.91 0.27 -22.95
N ASN B 36 2.52 1.45 -22.98
CA ASN B 36 1.93 2.59 -23.67
C ASN B 36 3.03 3.60 -24.03
N GLU B 37 2.78 4.38 -25.05
CA GLU B 37 3.70 5.43 -25.46
C GLU B 37 2.89 6.71 -25.59
N PRO B 38 3.17 7.72 -24.74
CA PRO B 38 4.19 7.71 -23.69
C PRO B 38 3.67 7.02 -22.43
N THR B 39 4.54 6.84 -21.44
CA THR B 39 4.10 6.27 -20.16
C THR B 39 3.82 7.39 -19.15
N LEU B 40 4.29 8.58 -19.48
CA LEU B 40 4.09 9.74 -18.61
C LEU B 40 3.32 10.82 -19.35
N ASN B 41 2.15 11.12 -18.81
CA ASN B 41 1.26 12.13 -19.37
C ASN B 41 1.85 13.54 -19.16
N PRO B 42 2.01 14.32 -20.24
CA PRO B 42 2.63 15.64 -20.09
C PRO B 42 1.85 16.62 -19.22
N SER B 43 0.53 16.51 -19.21
CA SER B 43 -0.28 17.39 -18.37
C SER B 43 -0.15 17.00 -16.92
N ARG B 44 -0.11 15.69 -16.67
CA ARG B 44 0.10 15.17 -15.32
C ARG B 44 1.48 15.54 -14.78
N PHE B 45 2.49 15.55 -15.65
CA PHE B 45 3.83 15.97 -15.25
C PHE B 45 3.80 17.45 -14.86
N GLN B 46 3.10 18.24 -15.67
CA GLN B 46 3.01 19.68 -15.42
C GLN B 46 2.34 19.93 -14.08
N ALA B 47 1.30 19.16 -13.79
CA ALA B 47 0.58 19.25 -12.53
C ALA B 47 1.49 18.91 -11.35
N ALA B 48 2.35 17.90 -11.51
CA ALA B 48 3.30 17.53 -10.45
C ALA B 48 4.30 18.65 -10.22
N VAL B 49 4.87 19.16 -11.31
CA VAL B 49 5.80 20.27 -11.25
C VAL B 49 5.21 21.50 -10.54
N GLN B 50 3.98 21.86 -10.89
CA GLN B 50 3.36 23.08 -10.35
C GLN B 50 2.45 22.88 -9.13
N GLY B 51 2.27 21.63 -8.72
CA GLY B 51 1.29 21.29 -7.69
C GLY B 51 1.57 21.95 -6.36
N GLU B 52 0.50 22.24 -5.62
CA GLU B 52 0.65 22.87 -4.30
C GLU B 52 1.44 22.01 -3.32
N LYS B 53 1.22 20.71 -3.34
CA LYS B 53 1.88 19.83 -2.39
C LYS B 53 2.88 18.85 -3.02
N SER B 54 3.11 19.00 -4.32
CA SER B 54 4.04 18.11 -5.02
C SER B 54 5.28 18.88 -5.48
N THR B 55 6.36 18.15 -5.72
CA THR B 55 7.61 18.72 -6.13
C THR B 55 8.34 17.73 -7.04
N VAL B 56 8.91 18.22 -8.14
CA VAL B 56 9.70 17.36 -9.01
C VAL B 56 11.16 17.81 -8.99
N LEU B 57 12.05 16.87 -8.68
CA LEU B 57 13.49 17.17 -8.66
C LEU B 57 14.17 16.50 -9.84
N VAL B 58 15.17 17.15 -10.42
CA VAL B 58 15.97 16.54 -11.46
C VAL B 58 17.47 16.62 -11.11
N PHE B 59 18.21 15.58 -11.48
CA PHE B 59 19.65 15.61 -11.45
C PHE B 59 20.14 15.95 -12.85
N VAL B 60 20.94 17.00 -12.95
CA VAL B 60 21.44 17.45 -14.24
C VAL B 60 22.96 17.35 -14.26
N ASP B 61 23.50 16.64 -15.24
CA ASP B 61 24.94 16.39 -15.31
C ASP B 61 25.72 17.58 -15.87
N GLU B 62 26.99 17.34 -16.17
CA GLU B 62 27.88 18.38 -16.69
C GLU B 62 27.48 18.89 -18.07
N ARG B 63 26.83 18.04 -18.84
CA ARG B 63 26.41 18.41 -20.20
C ARG B 63 24.93 18.77 -20.24
N GLU B 64 24.41 19.19 -19.09
CA GLU B 64 23.03 19.70 -18.96
C GLU B 64 21.96 18.69 -19.39
N LYS B 65 22.24 17.41 -19.18
CA LYS B 65 21.31 16.35 -19.50
C LYS B 65 20.71 15.76 -18.22
N ILE B 66 19.43 15.45 -18.24
CA ILE B 66 18.77 14.89 -17.06
C ILE B 66 19.21 13.45 -16.83
N GLY B 67 19.89 13.21 -15.72
CA GLY B 67 20.33 11.87 -15.38
C GLY B 67 19.42 11.11 -14.44
N ALA B 68 18.55 11.84 -13.74
CA ALA B 68 17.61 11.20 -12.82
C ALA B 68 16.53 12.20 -12.47
N TYR B 69 15.42 11.70 -11.94
CA TYR B 69 14.38 12.61 -11.48
C TYR B 69 13.59 11.94 -10.35
N SER B 70 12.83 12.75 -9.62
CA SER B 70 11.95 12.20 -8.60
C SER B 70 10.75 13.09 -8.48
N VAL B 71 9.61 12.48 -8.14
CA VAL B 71 8.39 13.22 -7.82
C VAL B 71 8.03 12.88 -6.38
N ILE B 72 7.80 13.91 -5.57
CA ILE B 72 7.47 13.70 -4.18
C ILE B 72 6.24 14.53 -3.81
N HIS B 73 5.61 14.13 -2.72
CA HIS B 73 4.37 14.73 -2.26
C HIS B 73 4.42 14.93 -0.76
N LEU B 74 4.01 16.10 -0.31
CA LEU B 74 3.85 16.34 1.11
C LEU B 74 2.44 15.90 1.47
N VAL B 75 2.35 14.87 2.30
CA VAL B 75 1.08 14.24 2.65
C VAL B 75 0.72 14.47 4.14
N GLN B 76 -0.50 14.95 4.40
CA GLN B 76 -0.96 15.13 5.78
C GLN B 76 -2.23 14.30 5.99
N THR B 77 -2.20 13.39 6.95
CA THR B 77 -3.41 12.66 7.35
C THR B 77 -4.02 13.35 8.54
N PRO B 78 -5.37 13.47 8.59
CA PRO B 78 -5.99 14.19 9.69
C PRO B 78 -6.04 13.31 10.94
N LEU B 79 -6.21 13.90 12.10
CA LEU B 79 -6.38 13.10 13.31
C LEU B 79 -7.65 12.26 13.21
N LEU B 80 -7.54 10.98 13.57
CA LEU B 80 -8.70 10.09 13.61
C LEU B 80 -8.71 9.41 14.97
N PRO B 81 -9.86 8.85 15.37
CA PRO B 81 -9.89 8.21 16.69
C PRO B 81 -8.85 7.09 16.80
N THR B 82 -8.64 6.33 15.73
CA THR B 82 -7.78 5.17 15.83
C THR B 82 -6.46 5.31 15.08
N MSE B 83 -6.22 6.48 14.46
CA MSE B 83 -4.93 6.69 13.77
C MSE B 83 -4.30 8.03 14.16
O MSE B 83 -4.97 9.05 14.25
CB MSE B 83 -5.07 6.65 12.25
CG MSE B 83 -5.76 5.41 11.69
SE MSE B 83 -4.70 3.80 11.87
CE MSE B 83 -3.53 4.02 10.31
N GLN B 84 -2.99 7.99 14.41
CA GLN B 84 -2.25 9.21 14.70
C GLN B 84 -2.30 10.13 13.49
N GLN B 85 -2.34 11.43 13.74
CA GLN B 85 -2.13 12.41 12.70
C GLN B 85 -0.70 12.20 12.20
N ARG B 86 -0.50 12.24 10.90
CA ARG B 86 0.82 11.94 10.38
C ARG B 86 1.18 12.81 9.18
N LYS B 87 2.41 13.30 9.16
CA LYS B 87 2.91 14.12 8.06
C LYS B 87 4.07 13.37 7.41
N THR B 88 3.98 13.12 6.11
CA THR B 88 5.03 12.35 5.43
C THR B 88 5.44 12.97 4.11
N VAL B 89 6.63 12.61 3.62
CA VAL B 89 6.94 12.84 2.22
C VAL B 89 6.78 11.50 1.52
N TYR B 90 5.93 11.48 0.49
CA TYR B 90 5.73 10.26 -0.28
C TYR B 90 6.38 10.40 -1.64
N ILE B 91 7.28 9.47 -1.93
CA ILE B 91 7.97 9.45 -3.21
C ILE B 91 7.19 8.56 -4.14
N SER B 92 6.59 9.14 -5.16
CA SER B 92 5.79 8.37 -6.09
C SER B 92 6.65 7.93 -7.27
N ASP B 93 7.79 8.58 -7.46
CA ASP B 93 8.70 8.24 -8.56
C ASP B 93 10.13 8.60 -8.20
N LEU B 94 11.07 7.73 -8.53
CA LEU B 94 12.49 8.05 -8.44
C LEU B 94 13.18 7.18 -9.49
N CYS B 95 13.58 7.78 -10.59
CA CYS B 95 14.18 7.02 -11.68
C CYS B 95 15.57 7.54 -11.97
N VAL B 96 16.53 6.62 -12.06
CA VAL B 96 17.88 6.94 -12.53
C VAL B 96 18.10 6.28 -13.90
N ASP B 97 18.62 7.08 -14.84
CA ASP B 97 18.90 6.62 -16.20
C ASP B 97 19.68 5.31 -16.13
N GLU B 98 19.13 4.28 -16.79
CA GLU B 98 19.64 2.91 -16.76
C GLU B 98 21.15 2.79 -16.96
N THR B 99 21.71 3.65 -17.82
CA THR B 99 23.13 3.58 -18.12
C THR B 99 23.98 4.42 -17.18
N ARG B 100 23.34 5.08 -16.21
CA ARG B 100 24.07 5.89 -15.25
C ARG B 100 23.95 5.30 -13.84
N ARG B 101 23.39 4.10 -13.73
CA ARG B 101 23.14 3.49 -12.43
C ARG B 101 24.41 2.95 -11.78
N GLY B 102 24.39 2.87 -10.45
CA GLY B 102 25.52 2.40 -9.69
C GLY B 102 26.65 3.40 -9.52
N GLY B 103 26.35 4.69 -9.63
CA GLY B 103 27.38 5.73 -9.50
C GLY B 103 27.04 6.99 -8.70
N GLY B 104 26.20 6.89 -7.66
CA GLY B 104 26.00 8.00 -6.75
C GLY B 104 24.79 8.93 -6.96
N ILE B 105 24.23 8.91 -8.17
CA ILE B 105 23.15 9.84 -8.52
C ILE B 105 21.87 9.64 -7.68
N GLY B 106 21.42 8.40 -7.56
CA GLY B 106 20.24 8.09 -6.78
C GLY B 106 20.37 8.57 -5.34
N ARG B 107 21.47 8.22 -4.70
CA ARG B 107 21.76 8.73 -3.35
C ARG B 107 21.70 10.26 -3.27
N LEU B 108 22.24 10.95 -4.28
CA LEU B 108 22.25 12.41 -4.26
C LEU B 108 20.83 13.01 -4.30
N ILE B 109 20.01 12.48 -5.20
CA ILE B 109 18.59 12.86 -5.27
C ILE B 109 17.89 12.61 -3.93
N PHE B 110 18.14 11.44 -3.34
CA PHE B 110 17.45 11.02 -2.13
C PHE B 110 17.85 11.92 -0.96
N GLU B 111 19.12 12.31 -0.93
CA GLU B 111 19.59 13.24 0.09
C GLU B 111 18.86 14.58 0.00
N ALA B 112 18.57 15.02 -1.21
CA ALA B 112 17.79 16.24 -1.39
C ALA B 112 16.36 16.07 -0.87
N ILE B 113 15.76 14.90 -1.08
CA ILE B 113 14.42 14.61 -0.56
C ILE B 113 14.40 14.65 0.97
N ILE B 114 15.43 14.07 1.59
CA ILE B 114 15.58 14.11 3.03
C ILE B 114 15.65 15.56 3.55
N SER B 115 16.48 16.38 2.91
N SER B 115 16.48 16.37 2.90
CA SER B 115 16.60 17.80 3.27
CA SER B 115 16.62 17.79 3.22
C SER B 115 15.25 18.52 3.20
C SER B 115 15.27 18.51 3.19
N TYR B 116 14.50 18.28 2.14
CA TYR B 116 13.14 18.81 2.02
C TYR B 116 12.25 18.27 3.15
N GLY B 117 12.33 16.95 3.37
CA GLY B 117 11.52 16.32 4.41
C GLY B 117 11.76 16.92 5.77
N LYS B 118 13.04 17.12 6.12
CA LYS B 118 13.39 17.64 7.44
C LYS B 118 12.96 19.10 7.60
N ALA B 119 13.02 19.87 6.52
CA ALA B 119 12.67 21.28 6.61
C ALA B 119 11.17 21.43 6.79
N HIS B 120 10.43 20.38 6.46
CA HIS B 120 8.97 20.39 6.66
C HIS B 120 8.54 19.59 7.90
N GLN B 121 9.53 19.18 8.69
CA GLN B 121 9.30 18.45 9.93
C GLN B 121 8.34 17.24 9.74
N VAL B 122 8.56 16.47 8.68
CA VAL B 122 7.73 15.28 8.46
C VAL B 122 8.17 14.13 9.37
N ASP B 123 7.25 13.22 9.62
CA ASP B 123 7.50 12.04 10.44
C ASP B 123 8.37 11.01 9.72
N ALA B 124 8.20 10.91 8.41
CA ALA B 124 8.91 9.88 7.66
C ALA B 124 8.84 10.16 6.17
N ILE B 125 9.77 9.56 5.44
CA ILE B 125 9.65 9.47 4.01
C ILE B 125 9.08 8.09 3.73
N GLU B 126 8.11 8.00 2.83
CA GLU B 126 7.55 6.70 2.46
C GLU B 126 7.52 6.54 0.94
N LEU B 127 7.48 5.29 0.49
CA LEU B 127 7.34 4.98 -0.92
C LEU B 127 6.85 3.54 -1.07
N ASP B 128 6.44 3.17 -2.27
CA ASP B 128 6.05 1.79 -2.51
C ASP B 128 6.90 1.14 -3.60
N VAL B 129 7.33 -0.09 -3.36
CA VAL B 129 8.19 -0.78 -4.33
C VAL B 129 7.63 -2.17 -4.62
N TYR B 130 7.59 -2.56 -5.90
CA TYR B 130 7.11 -3.90 -6.24
C TYR B 130 8.09 -4.97 -5.80
N ASP B 131 7.55 -6.11 -5.38
CA ASP B 131 8.34 -7.16 -4.75
C ASP B 131 9.47 -7.68 -5.66
N PHE B 132 9.27 -7.68 -6.98
CA PHE B 132 10.29 -8.21 -7.90
C PHE B 132 11.51 -7.30 -7.99
N ASN B 133 11.38 -6.06 -7.52
CA ASN B 133 12.35 -5.01 -7.81
C ASN B 133 13.55 -5.04 -6.87
N ASP B 134 14.40 -6.05 -7.03
CA ASP B 134 15.56 -6.24 -6.17
C ASP B 134 16.51 -5.06 -6.20
N ARG B 135 16.71 -4.51 -7.39
CA ARG B 135 17.59 -3.36 -7.53
C ARG B 135 17.08 -2.18 -6.68
N ALA B 136 15.77 -1.91 -6.72
CA ALA B 136 15.25 -0.81 -5.90
C ALA B 136 15.32 -1.13 -4.41
N LYS B 137 14.96 -2.36 -4.06
CA LYS B 137 14.98 -2.76 -2.65
C LYS B 137 16.38 -2.64 -2.05
N ALA B 138 17.40 -3.03 -2.81
CA ALA B 138 18.79 -2.94 -2.34
C ALA B 138 19.21 -1.48 -2.16
N PHE B 139 18.79 -0.64 -3.11
CA PHE B 139 19.10 0.78 -3.04
C PHE B 139 18.47 1.41 -1.82
N TYR B 140 17.17 1.20 -1.63
CA TYR B 140 16.49 1.83 -0.50
C TYR B 140 16.92 1.26 0.85
N HIS B 141 17.20 -0.04 0.89
CA HIS B 141 17.78 -0.61 2.10
C HIS B 141 19.10 0.05 2.45
N SER B 142 19.95 0.28 1.45
CA SER B 142 21.26 0.88 1.69
C SER B 142 21.14 2.30 2.25
N LEU B 143 19.96 2.90 2.09
CA LEU B 143 19.70 4.26 2.57
C LEU B 143 19.01 4.28 3.93
N GLY B 144 18.84 3.12 4.56
CA GLY B 144 18.21 3.05 5.86
C GLY B 144 16.70 2.85 5.85
N MSE B 145 16.10 2.59 4.68
CA MSE B 145 14.65 2.34 4.65
C MSE B 145 14.32 0.91 5.05
O MSE B 145 15.13 -0.01 4.89
CB MSE B 145 14.02 2.65 3.28
CG MSE B 145 14.36 4.03 2.71
SE MSE B 145 13.13 4.54 1.32
CE MSE B 145 11.57 4.99 2.40
N ARG B 146 13.13 0.72 5.59
CA ARG B 146 12.69 -0.61 5.97
C ARG B 146 11.23 -0.78 5.65
N CYS B 147 10.78 -2.03 5.60
CA CYS B 147 9.39 -2.31 5.27
C CYS B 147 8.49 -1.87 6.41
N GLN B 148 7.47 -1.09 6.06
CA GLN B 148 6.43 -0.70 6.99
C GLN B 148 5.30 -1.71 6.93
N LYS B 149 4.82 -1.94 5.71
CA LYS B 149 3.72 -2.87 5.49
C LYS B 149 3.79 -3.42 4.07
N GLN B 150 3.03 -4.46 3.77
CA GLN B 150 3.07 -5.00 2.41
C GLN B 150 1.70 -5.43 1.92
N THR B 151 1.51 -5.30 0.61
CA THR B 151 0.31 -5.76 -0.04
C THR B 151 0.54 -7.19 -0.43
N MSE B 152 -0.38 -8.06 -0.02
CA MSE B 152 -0.29 -9.46 -0.36
C MSE B 152 -1.37 -9.80 -1.34
O MSE B 152 -2.42 -9.14 -1.36
CB MSE B 152 -0.48 -10.27 0.90
CG MSE B 152 0.35 -9.64 1.94
SE MSE B 152 1.84 -10.81 2.08
CE MSE B 152 0.89 -11.67 3.50
N GLU B 153 -1.10 -10.80 -2.19
CA GLU B 153 -2.03 -11.15 -3.25
C GLU B 153 -2.17 -12.65 -3.42
N LEU B 154 -3.36 -13.06 -3.85
CA LEU B 154 -3.63 -14.46 -4.21
C LEU B 154 -4.37 -14.43 -5.55
N PRO B 155 -3.64 -14.70 -6.65
CA PRO B 155 -4.30 -14.70 -7.96
C PRO B 155 -5.37 -15.78 -8.03
N LEU B 156 -6.53 -15.45 -8.61
CA LEU B 156 -7.65 -16.41 -8.65
C LEU B 156 -8.06 -16.77 -10.06
N LEU B 157 -7.15 -16.62 -11.01
CA LEU B 157 -7.43 -16.95 -12.40
C LEU B 157 -6.45 -18.00 -12.92
C1 GOL C . -14.44 4.39 16.74
O1 GOL C . -13.23 4.89 16.20
C2 GOL C . -15.57 5.37 16.46
O2 GOL C . -15.16 6.68 16.75
C3 GOL C . -16.82 5.04 17.29
O3 GOL C . -17.72 6.11 17.25
C ACY D . -6.53 -19.35 13.29
O ACY D . -5.78 -20.04 14.04
OXT ACY D . -7.74 -19.61 13.09
CH3 ACY D . -5.94 -18.15 12.59
P PO4 E . -6.07 -7.75 7.00
O1 PO4 E . -7.02 -7.31 8.09
O2 PO4 E . -4.97 -8.60 7.59
O3 PO4 E . -6.83 -8.56 5.98
O4 PO4 E . -5.49 -6.53 6.32
C1 GOL F . 16.50 3.51 -10.46
O1 GOL F . 15.54 4.00 -11.36
C2 GOL F . 16.28 3.98 -9.02
O2 GOL F . 17.40 4.75 -8.62
C3 GOL F . 16.19 2.80 -8.06
O3 GOL F . 14.93 2.18 -8.20
P PO4 G . 9.34 4.31 -6.36
O1 PO4 G . 9.11 4.49 -7.85
O2 PO4 G . 10.07 5.51 -5.81
O3 PO4 G . 8.01 4.17 -5.68
O4 PO4 G . 10.19 3.08 -6.13
#